data_9GWF
#
_entry.id   9GWF
#
_cell.length_a   93.738
_cell.length_b   61.709
_cell.length_c   119.132
_cell.angle_alpha   90.000
_cell.angle_beta   101.600
_cell.angle_gamma   90.000
#
_symmetry.space_group_name_H-M   'C 1 2 1'
#
loop_
_entity.id
_entity.type
_entity.pdbx_description
1 polymer 'Peroxisome proliferator-activated receptor gamma'
2 non-polymer '4-[5-chloranyl-1-[2-chloranyl-6-(trifluoromethyl)phenyl]carbonyl-indazol-3-yl]-3-[[3-(methylcarbamoyl)phenyl]methoxy]benzoic acid'
3 water water
#
_entity_poly.entity_id   1
_entity_poly.type   'polypeptide(L)'
_entity_poly.pdbx_seq_one_letter_code
;GSHMESADLRALAKHLYDSYIKSFPLTKAKARAILTGKTTDKSPFVIYDMNSLMMGEDKIKFKHITPLQEQSKEVAIRIF
QGCQFRSVEAVQEITEYAKSIPGFVNLDLNDQVTLLKYGVHEIIYTMLASLMNKDGVLISEGQGFMTREFLKSLRKPFGD
FMEPKFEFAVKFNALELDDSDLAIFIAVIILSGDRPGLLNVKPIEDIQDNLLQALELQLKLNHPESSQLFAKLLQKMTDL
RQIVTEHVQLLQVIKKTETDMSLHPLLQEIYKDLY
;
_entity_poly.pdbx_strand_id   A,B
#
loop_
_chem_comp.id
_chem_comp.type
_chem_comp.name
_chem_comp.formula
A1IPT non-polymer '4-[5-chloranyl-1-[2-chloranyl-6-(trifluoromethyl)phenyl]carbonyl-indazol-3-yl]-3-[[3-(methylcarbamoyl)phenyl]methoxy]benzoic acid' 'C31 H20 Cl2 F3 N3 O5'
#
# COMPACT_ATOMS: atom_id res chain seq x y z
N MET A 4 -9.40 -24.28 -2.80
CA MET A 4 -10.47 -24.03 -1.83
C MET A 4 -10.47 -25.05 -0.68
N GLU A 5 -10.27 -26.35 -0.98
CA GLU A 5 -10.18 -27.37 0.06
C GLU A 5 -8.77 -27.42 0.66
N SER A 6 -8.70 -27.82 1.94
CA SER A 6 -7.45 -27.74 2.70
C SER A 6 -6.32 -28.53 2.05
N ALA A 7 -6.58 -29.80 1.72
CA ALA A 7 -5.53 -30.61 1.10
C ALA A 7 -5.04 -30.01 -0.20
N ASP A 8 -5.96 -29.43 -0.98
CA ASP A 8 -5.60 -28.73 -2.23
C ASP A 8 -4.73 -27.50 -1.98
N LEU A 9 -4.96 -26.78 -0.88
CA LEU A 9 -4.15 -25.60 -0.57
C LEU A 9 -2.76 -26.00 -0.10
N ARG A 10 -2.65 -27.04 0.73
CA ARG A 10 -1.33 -27.52 1.12
C ARG A 10 -0.58 -28.05 -0.09
N ALA A 11 -1.30 -28.69 -0.99
CA ALA A 11 -0.69 -29.18 -2.23
C ALA A 11 -0.06 -28.04 -3.02
N LEU A 12 -0.83 -26.95 -3.19
CA LEU A 12 -0.31 -25.77 -3.87
C LEU A 12 0.90 -25.18 -3.16
N ALA A 13 0.87 -25.14 -1.83
CA ALA A 13 2.02 -24.62 -1.09
C ALA A 13 3.25 -25.46 -1.38
N LYS A 14 3.12 -26.78 -1.35
CA LYS A 14 4.30 -27.61 -1.63
C LYS A 14 4.78 -27.41 -3.07
N HIS A 15 3.86 -27.23 -4.02
CA HIS A 15 4.27 -26.98 -5.39
C HIS A 15 5.07 -25.69 -5.53
N LEU A 16 4.61 -24.61 -4.87
CA LEU A 16 5.31 -23.34 -5.00
C LEU A 16 6.67 -23.35 -4.28
N TYR A 17 6.75 -24.00 -3.10
CA TYR A 17 8.03 -24.09 -2.39
C TYR A 17 9.05 -24.91 -3.17
N ASP A 18 8.66 -26.10 -3.62
CA ASP A 18 9.57 -26.96 -4.39
C ASP A 18 10.07 -26.23 -5.64
N SER A 19 9.19 -25.45 -6.29
CA SER A 19 9.54 -24.69 -7.48
C SER A 19 10.49 -23.54 -7.16
N TYR A 20 10.19 -22.85 -6.06
CA TYR A 20 11.01 -21.74 -5.61
C TYR A 20 12.43 -22.21 -5.25
N ILE A 21 12.57 -23.36 -4.59
CA ILE A 21 13.89 -23.95 -4.36
C ILE A 21 14.61 -24.19 -5.68
N LYS A 22 13.85 -24.59 -6.72
CA LYS A 22 14.46 -24.88 -8.02
C LYS A 22 14.84 -23.61 -8.78
N SER A 23 14.07 -22.52 -8.66
CA SER A 23 14.37 -21.33 -9.44
C SER A 23 15.44 -20.44 -8.81
N PHE A 24 15.57 -20.42 -7.49
CA PHE A 24 16.45 -19.43 -6.87
C PHE A 24 17.66 -20.15 -6.27
N PRO A 25 18.88 -19.76 -6.67
CA PRO A 25 20.07 -20.51 -6.25
C PRO A 25 20.39 -20.41 -4.75
N LEU A 26 20.15 -19.26 -4.11
CA LEU A 26 20.54 -19.02 -2.73
C LEU A 26 19.28 -18.71 -1.92
N THR A 27 18.81 -19.69 -1.14
CA THR A 27 17.62 -19.53 -0.30
C THR A 27 17.90 -18.67 0.94
N LYS A 28 16.81 -18.34 1.64
CA LYS A 28 16.90 -17.63 2.91
C LYS A 28 17.51 -18.52 3.97
N ALA A 29 17.21 -19.83 3.93
CA ALA A 29 17.75 -20.74 4.92
C ALA A 29 19.27 -20.87 4.78
N LYS A 30 19.78 -20.95 3.55
CA LYS A 30 21.23 -20.96 3.36
C LYS A 30 21.83 -19.61 3.73
N ALA A 31 21.14 -18.51 3.43
CA ALA A 31 21.64 -17.18 3.78
C ALA A 31 21.67 -16.99 5.29
N ARG A 32 20.67 -17.51 6.01
CA ARG A 32 20.68 -17.38 7.47
C ARG A 32 21.84 -18.16 8.06
N ALA A 33 22.12 -19.34 7.50
CA ALA A 33 23.24 -20.16 7.95
C ALA A 33 24.57 -19.45 7.76
N ILE A 34 24.76 -18.77 6.61
CA ILE A 34 25.99 -18.03 6.39
C ILE A 34 26.06 -16.83 7.35
N LEU A 35 24.95 -16.10 7.49
CA LEU A 35 24.99 -14.85 8.25
C LEU A 35 25.20 -15.05 9.75
N THR A 36 24.76 -16.18 10.31
CA THR A 36 24.85 -16.38 11.74
C THR A 36 26.17 -17.05 12.10
N GLY A 37 26.60 -17.95 11.25
CA GLY A 37 27.96 -18.43 11.31
C GLY A 37 28.08 -19.66 12.18
N LYS A 38 29.02 -19.60 13.12
CA LYS A 38 29.47 -20.74 13.92
C LYS A 38 29.92 -21.89 13.03
N THR A 39 30.03 -21.65 11.72
CA THR A 39 30.44 -22.66 10.75
C THR A 39 31.82 -22.27 10.23
N THR A 40 32.64 -23.28 9.93
CA THR A 40 33.96 -23.01 9.37
C THR A 40 33.94 -23.00 7.84
N ASP A 41 33.00 -23.74 7.22
CA ASP A 41 33.02 -23.90 5.77
C ASP A 41 32.25 -22.82 5.00
N LYS A 42 31.21 -22.24 5.60
CA LYS A 42 30.40 -21.29 4.88
C LYS A 42 30.76 -19.84 5.23
N SER A 43 32.02 -19.56 5.59
CA SER A 43 32.31 -18.23 6.13
C SER A 43 32.61 -17.24 5.02
N PRO A 44 31.92 -16.10 4.97
CA PRO A 44 32.14 -15.16 3.88
C PRO A 44 33.31 -14.23 4.14
N PHE A 45 33.94 -13.81 3.04
CA PHE A 45 34.87 -12.70 3.07
C PHE A 45 34.08 -11.40 3.14
N VAL A 46 34.51 -10.49 4.01
CA VAL A 46 33.79 -9.26 4.31
C VAL A 46 34.49 -8.09 3.65
N ILE A 47 33.72 -7.25 2.95
CA ILE A 47 34.19 -6.03 2.30
C ILE A 47 33.61 -4.84 3.07
N TYR A 48 34.50 -4.08 3.72
CA TYR A 48 34.13 -2.94 4.54
C TYR A 48 34.84 -1.65 4.13
N ASP A 49 35.75 -1.69 3.16
CA ASP A 49 36.47 -0.48 2.73
C ASP A 49 37.02 -0.74 1.34
N MET A 50 37.72 0.27 0.80
CA MET A 50 38.24 0.17 -0.56
C MET A 50 39.26 -0.94 -0.68
N ASN A 51 40.22 -1.00 0.25
CA ASN A 51 41.30 -1.98 0.14
C ASN A 51 40.76 -3.41 0.19
N SER A 52 39.80 -3.69 1.07
CA SER A 52 39.28 -5.06 1.16
C SER A 52 38.46 -5.42 -0.06
N LEU A 53 37.89 -4.42 -0.74
CA LEU A 53 37.22 -4.67 -2.01
C LEU A 53 38.22 -5.14 -3.07
N MET A 54 39.42 -4.56 -3.09
CA MET A 54 40.44 -4.98 -4.05
C MET A 54 40.92 -6.40 -3.75
N MET A 55 41.04 -6.76 -2.48
CA MET A 55 41.48 -8.12 -2.15
C MET A 55 40.37 -9.12 -2.45
N GLY A 56 39.12 -8.74 -2.16
CA GLY A 56 37.99 -9.64 -2.36
C GLY A 56 37.79 -10.04 -3.81
N GLU A 57 38.17 -9.16 -4.75
CA GLU A 57 38.01 -9.53 -6.16
C GLU A 57 39.01 -10.60 -6.55
N ASP A 58 40.16 -10.67 -5.85
CA ASP A 58 41.11 -11.76 -6.09
C ASP A 58 40.67 -13.05 -5.40
N LYS A 59 39.67 -12.98 -4.50
CA LYS A 59 39.26 -14.15 -3.69
C LYS A 59 37.90 -14.70 -4.15
N ILE A 60 36.84 -13.89 -4.01
CA ILE A 60 35.50 -14.30 -4.45
C ILE A 60 35.45 -14.35 -5.98
N GLU A 74 35.84 3.37 -11.22
CA GLU A 74 35.48 3.99 -9.95
C GLU A 74 34.72 3.00 -9.06
N VAL A 75 34.79 3.18 -7.74
CA VAL A 75 34.24 2.20 -6.82
C VAL A 75 32.71 2.22 -6.85
N ALA A 76 32.11 3.41 -6.78
CA ALA A 76 30.65 3.46 -6.64
C ALA A 76 29.94 2.94 -7.89
N ILE A 77 30.50 3.17 -9.08
CA ILE A 77 29.92 2.62 -10.29
C ILE A 77 30.15 1.10 -10.33
N ARG A 78 31.33 0.64 -9.91
CA ARG A 78 31.63 -0.78 -9.91
C ARG A 78 30.71 -1.53 -8.95
N ILE A 79 30.38 -0.93 -7.81
CA ILE A 79 29.40 -1.54 -6.93
C ILE A 79 28.00 -1.44 -7.53
N PHE A 80 27.64 -0.25 -8.04
CA PHE A 80 26.35 -0.15 -8.73
C PHE A 80 26.24 -1.18 -9.86
N GLN A 81 27.30 -1.33 -10.66
CA GLN A 81 27.22 -2.30 -11.74
C GLN A 81 27.09 -3.71 -11.20
N GLY A 82 27.64 -3.98 -10.02
CA GLY A 82 27.45 -5.29 -9.40
C GLY A 82 26.01 -5.56 -9.02
N CYS A 83 25.32 -4.54 -8.49
CA CYS A 83 23.90 -4.66 -8.19
C CYS A 83 23.08 -4.86 -9.45
N GLN A 84 23.40 -4.13 -10.53
CA GLN A 84 22.68 -4.31 -11.79
C GLN A 84 22.77 -5.74 -12.27
N PHE A 85 23.98 -6.30 -12.33
CA PHE A 85 24.17 -7.67 -12.82
C PHE A 85 23.31 -8.68 -12.07
N ARG A 86 23.18 -8.53 -10.74
CA ARG A 86 22.37 -9.47 -9.97
C ARG A 86 20.88 -9.23 -10.18
N SER A 87 20.48 -7.97 -10.28
CA SER A 87 19.06 -7.70 -10.49
C SER A 87 18.59 -8.24 -11.83
N VAL A 88 19.46 -8.23 -12.85
CA VAL A 88 19.12 -8.87 -14.11
C VAL A 88 19.00 -10.38 -13.91
N GLU A 89 19.97 -10.99 -13.22
CA GLU A 89 19.87 -12.41 -12.91
C GLU A 89 18.62 -12.70 -12.08
N ALA A 90 18.24 -11.77 -11.20
CA ALA A 90 17.06 -12.00 -10.39
C ALA A 90 15.79 -11.97 -11.24
N VAL A 91 15.67 -11.00 -12.15
CA VAL A 91 14.52 -10.96 -13.05
C VAL A 91 14.43 -12.26 -13.84
N GLN A 92 15.57 -12.81 -14.26
CA GLN A 92 15.55 -14.09 -14.96
C GLN A 92 15.04 -15.20 -14.05
N GLU A 93 15.51 -15.24 -12.80
CA GLU A 93 15.04 -16.26 -11.87
C GLU A 93 13.55 -16.10 -11.58
N ILE A 94 13.09 -14.86 -11.35
CA ILE A 94 11.67 -14.59 -11.08
C ILE A 94 10.83 -14.97 -12.30
N THR A 95 11.32 -14.69 -13.51
CA THR A 95 10.55 -15.05 -14.69
C THR A 95 10.36 -16.56 -14.78
N GLU A 96 11.41 -17.32 -14.46
CA GLU A 96 11.31 -18.77 -14.46
C GLU A 96 10.39 -19.27 -13.34
N TYR A 97 10.50 -18.67 -12.15
CA TYR A 97 9.56 -19.03 -11.10
C TYR A 97 8.12 -18.74 -11.51
N ALA A 98 7.88 -17.59 -12.15
CA ALA A 98 6.53 -17.18 -12.54
C ALA A 98 5.88 -18.24 -13.40
N LYS A 99 6.62 -18.80 -14.37
CA LYS A 99 6.06 -19.78 -15.30
C LYS A 99 5.49 -20.99 -14.57
N SER A 100 6.01 -21.30 -13.39
CA SER A 100 5.55 -22.47 -12.67
C SER A 100 4.31 -22.19 -11.83
N ILE A 101 3.85 -20.95 -11.76
CA ILE A 101 2.64 -20.65 -10.99
C ILE A 101 1.44 -21.15 -11.78
N PRO A 102 0.74 -22.17 -11.27
CA PRO A 102 -0.39 -22.73 -12.04
C PRO A 102 -1.31 -21.65 -12.57
N GLY A 103 -1.50 -21.62 -13.90
CA GLY A 103 -2.41 -20.67 -14.51
C GLY A 103 -1.70 -19.48 -15.15
N PHE A 104 -0.48 -19.16 -14.70
CA PHE A 104 0.19 -17.96 -15.19
C PHE A 104 0.45 -18.05 -16.69
N VAL A 105 1.09 -19.13 -17.14
CA VAL A 105 1.43 -19.25 -18.57
C VAL A 105 0.21 -19.39 -19.46
N ASN A 106 -0.97 -19.60 -18.88
CA ASN A 106 -2.21 -19.68 -19.64
C ASN A 106 -2.89 -18.32 -19.82
N LEU A 107 -2.39 -17.26 -19.19
CA LEU A 107 -2.96 -15.93 -19.33
C LEU A 107 -2.55 -15.35 -20.68
N ASP A 108 -3.33 -14.35 -21.13
CA ASP A 108 -2.96 -13.52 -22.27
C ASP A 108 -1.49 -13.10 -22.20
N LEU A 109 -0.76 -13.33 -23.29
CA LEU A 109 0.68 -13.10 -23.27
C LEU A 109 1.03 -11.67 -22.88
N ASN A 110 0.21 -10.68 -23.28
CA ASN A 110 0.52 -9.30 -22.90
C ASN A 110 0.44 -9.11 -21.39
N ASP A 111 -0.55 -9.72 -20.74
CA ASP A 111 -0.69 -9.62 -19.30
C ASP A 111 0.44 -10.38 -18.60
N GLN A 112 0.88 -11.50 -19.18
CA GLN A 112 2.08 -12.16 -18.67
C GLN A 112 3.23 -11.17 -18.55
N VAL A 113 3.55 -10.49 -19.64
CA VAL A 113 4.63 -9.52 -19.64
C VAL A 113 4.34 -8.38 -18.67
N THR A 114 3.08 -7.96 -18.59
CA THR A 114 2.72 -6.83 -17.76
C THR A 114 2.83 -7.16 -16.28
N LEU A 115 2.46 -8.38 -15.90
CA LEU A 115 2.58 -8.80 -14.50
C LEU A 115 4.04 -8.84 -14.08
N LEU A 116 4.90 -9.37 -14.96
CA LEU A 116 6.33 -9.42 -14.68
C LEU A 116 6.92 -8.03 -14.63
N LYS A 117 6.59 -7.20 -15.61
CA LYS A 117 7.10 -5.82 -15.68
C LYS A 117 6.95 -5.06 -14.37
N TYR A 118 5.81 -5.19 -13.71
CA TYR A 118 5.57 -4.49 -12.45
C TYR A 118 5.85 -5.36 -11.22
N GLY A 119 6.10 -6.64 -11.38
CA GLY A 119 6.28 -7.45 -10.19
C GLY A 119 7.73 -7.64 -9.78
N VAL A 120 8.65 -7.59 -10.74
CA VAL A 120 10.02 -7.99 -10.44
C VAL A 120 10.62 -7.11 -9.35
N HIS A 121 10.42 -5.80 -9.44
CA HIS A 121 11.07 -4.89 -8.48
C HIS A 121 10.57 -5.16 -7.06
N GLU A 122 9.26 -5.31 -6.89
CA GLU A 122 8.69 -5.61 -5.59
C GLU A 122 9.21 -6.93 -5.05
N ILE A 123 9.51 -7.88 -5.94
CA ILE A 123 10.02 -9.19 -5.54
C ILE A 123 11.52 -9.13 -5.28
N ILE A 124 12.24 -8.45 -6.17
CA ILE A 124 13.67 -8.29 -5.98
C ILE A 124 13.95 -7.73 -4.59
N TYR A 125 13.25 -6.65 -4.23
CA TYR A 125 13.36 -6.07 -2.88
C TYR A 125 13.05 -7.09 -1.80
N THR A 126 11.93 -7.83 -1.94
CA THR A 126 11.51 -8.79 -0.92
C THR A 126 12.56 -9.88 -0.71
N MET A 127 13.11 -10.39 -1.80
CA MET A 127 14.09 -11.46 -1.68
C MET A 127 15.46 -10.91 -1.33
N LEU A 128 15.73 -9.65 -1.68
CA LEU A 128 16.97 -9.02 -1.23
C LEU A 128 17.04 -8.96 0.29
N ALA A 129 15.89 -8.86 0.97
CA ALA A 129 15.85 -8.87 2.42
C ALA A 129 16.38 -10.19 2.97
N SER A 130 16.09 -11.28 2.28
CA SER A 130 16.58 -12.58 2.74
C SER A 130 18.11 -12.61 2.86
N LEU A 131 18.80 -11.81 2.07
CA LEU A 131 20.25 -11.79 2.03
C LEU A 131 20.87 -10.80 3.02
N MET A 132 20.08 -10.08 3.81
CA MET A 132 20.56 -8.99 4.64
C MET A 132 20.34 -9.23 6.13
N ASN A 133 21.22 -8.67 6.95
CA ASN A 133 20.89 -8.35 8.34
C ASN A 133 21.20 -6.87 8.54
N LYS A 134 21.14 -6.36 9.76
CA LYS A 134 21.25 -4.90 9.90
C LYS A 134 22.64 -4.39 9.55
N ASP A 135 23.63 -5.28 9.40
CA ASP A 135 25.02 -4.87 9.20
C ASP A 135 25.52 -5.05 7.77
N GLY A 136 24.77 -5.73 6.88
CA GLY A 136 25.18 -5.82 5.49
C GLY A 136 24.40 -6.84 4.66
N VAL A 137 24.98 -7.17 3.49
CA VAL A 137 24.32 -7.99 2.47
C VAL A 137 25.30 -9.02 1.89
N LEU A 138 24.80 -10.24 1.65
CA LEU A 138 25.56 -11.28 0.95
C LEU A 138 25.64 -11.01 -0.54
N ILE A 139 26.81 -11.26 -1.12
CA ILE A 139 27.01 -11.09 -2.55
C ILE A 139 27.81 -12.29 -3.04
N SER A 140 27.92 -12.40 -4.36
CA SER A 140 28.68 -13.49 -5.01
C SER A 140 28.22 -14.86 -4.51
N GLU A 141 26.90 -15.07 -4.51
CA GLU A 141 26.27 -16.34 -4.12
C GLU A 141 26.60 -16.73 -2.68
N GLY A 142 26.83 -15.75 -1.82
CA GLY A 142 27.14 -16.00 -0.44
C GLY A 142 28.61 -16.11 -0.10
N GLN A 143 29.50 -16.10 -1.09
CA GLN A 143 30.93 -16.11 -0.80
C GLN A 143 31.36 -14.79 -0.18
N GLY A 144 30.62 -13.71 -0.37
CA GLY A 144 31.00 -12.41 0.10
C GLY A 144 29.98 -11.84 1.08
N PHE A 145 30.37 -10.75 1.72
CA PHE A 145 29.48 -9.99 2.59
C PHE A 145 29.99 -8.55 2.59
N MET A 146 29.19 -7.64 2.03
CA MET A 146 29.55 -6.23 1.95
C MET A 146 28.77 -5.46 3.00
N THR A 147 29.46 -4.64 3.78
CA THR A 147 28.84 -4.05 4.95
C THR A 147 27.90 -2.92 4.55
N ARG A 148 26.90 -2.69 5.40
CA ARG A 148 25.96 -1.59 5.19
C ARG A 148 26.66 -0.24 5.31
N GLU A 149 27.58 -0.10 6.27
CA GLU A 149 28.29 1.18 6.44
C GLU A 149 29.04 1.57 5.17
N PHE A 150 29.79 0.63 4.59
CA PHE A 150 30.53 0.88 3.37
C PHE A 150 29.61 1.35 2.24
N LEU A 151 28.52 0.61 1.99
CA LEU A 151 27.59 0.97 0.92
C LEU A 151 26.95 2.34 1.16
N LYS A 152 26.31 2.53 2.32
CA LYS A 152 25.71 3.82 2.65
C LYS A 152 26.72 4.96 2.54
N SER A 153 28.01 4.69 2.73
CA SER A 153 29.02 5.74 2.68
C SER A 153 29.62 5.94 1.28
N LEU A 154 29.01 5.37 0.25
CA LEU A 154 29.45 5.67 -1.11
C LEU A 154 29.11 7.11 -1.47
N ARG A 155 29.79 7.63 -2.48
CA ARG A 155 29.75 9.06 -2.73
C ARG A 155 28.43 9.49 -3.39
N LYS A 156 28.26 10.82 -3.50
CA LYS A 156 27.21 11.62 -4.13
C LYS A 156 25.86 10.87 -4.13
N PRO A 157 25.25 10.41 -5.25
CA PRO A 157 23.90 9.85 -5.10
C PRO A 157 23.90 8.39 -4.67
N PHE A 158 25.01 7.67 -4.82
CA PHE A 158 25.03 6.22 -4.65
C PHE A 158 24.88 5.80 -3.19
N GLY A 159 25.42 6.56 -2.25
CA GLY A 159 25.25 6.21 -0.85
C GLY A 159 23.79 6.16 -0.42
N ASP A 160 23.06 7.24 -0.65
CA ASP A 160 21.64 7.29 -0.34
C ASP A 160 20.82 6.31 -1.19
N PHE A 161 21.39 5.79 -2.28
CA PHE A 161 20.68 4.85 -3.11
C PHE A 161 20.72 3.44 -2.53
N MET A 162 21.79 3.09 -1.82
CA MET A 162 21.89 1.75 -1.27
C MET A 162 21.06 1.58 -0.01
N GLU A 163 21.04 2.60 0.86
CA GLU A 163 20.51 2.45 2.21
C GLU A 163 19.02 2.08 2.31
N PRO A 164 18.09 2.64 1.53
CA PRO A 164 16.68 2.23 1.66
C PRO A 164 16.42 0.73 1.53
N LYS A 165 17.24 0.00 0.76
CA LYS A 165 17.10 -1.45 0.68
C LYS A 165 17.31 -2.09 2.05
N PHE A 166 18.33 -1.64 2.79
CA PHE A 166 18.54 -2.10 4.16
C PHE A 166 17.39 -1.69 5.07
N GLU A 167 16.96 -0.42 4.97
CA GLU A 167 15.86 0.08 5.78
C GLU A 167 14.62 -0.78 5.61
N PHE A 168 14.32 -1.18 4.37
CA PHE A 168 13.18 -2.06 4.17
C PHE A 168 13.46 -3.43 4.78
N ALA A 169 14.62 -4.01 4.46
CA ALA A 169 14.89 -5.39 4.85
C ALA A 169 14.77 -5.58 6.36
N VAL A 170 15.30 -4.64 7.15
CA VAL A 170 15.27 -4.79 8.59
C VAL A 170 13.84 -4.96 9.07
N LYS A 171 12.93 -4.14 8.54
CA LYS A 171 11.54 -4.20 8.95
C LYS A 171 10.86 -5.46 8.44
N PHE A 172 11.12 -5.84 7.18
CA PHE A 172 10.49 -7.05 6.67
C PHE A 172 10.96 -8.29 7.42
N ASN A 173 12.26 -8.35 7.76
CA ASN A 173 12.83 -9.55 8.37
C ASN A 173 12.34 -9.79 9.79
N ALA A 174 11.87 -8.75 10.48
CA ALA A 174 11.28 -8.97 11.80
C ALA A 174 10.07 -9.90 11.75
N LEU A 175 9.43 -10.06 10.59
CA LEU A 175 8.31 -11.00 10.47
C LEU A 175 8.75 -12.45 10.59
N GLU A 176 10.04 -12.72 10.39
CA GLU A 176 10.60 -14.06 10.55
C GLU A 176 9.96 -15.08 9.59
N LEU A 177 9.68 -14.66 8.35
CA LEU A 177 9.17 -15.61 7.36
C LEU A 177 10.31 -16.52 6.92
N ASP A 178 9.97 -17.77 6.60
CA ASP A 178 10.97 -18.61 5.98
C ASP A 178 10.63 -18.77 4.52
N ASP A 179 11.42 -19.60 3.84
CA ASP A 179 11.28 -19.74 2.39
C ASP A 179 9.93 -20.29 2.01
N SER A 180 9.40 -21.21 2.80
CA SER A 180 8.12 -21.83 2.48
C SER A 180 7.00 -20.80 2.44
N ASP A 181 7.07 -19.79 3.33
CA ASP A 181 6.13 -18.67 3.28
C ASP A 181 6.42 -17.78 2.06
N LEU A 182 7.69 -17.45 1.84
CA LEU A 182 8.05 -16.49 0.78
C LEU A 182 7.65 -16.99 -0.60
N ALA A 183 7.72 -18.30 -0.84
CA ALA A 183 7.32 -18.82 -2.13
C ALA A 183 5.88 -18.44 -2.44
N ILE A 184 4.99 -18.56 -1.45
CA ILE A 184 3.60 -18.22 -1.70
C ILE A 184 3.43 -16.71 -1.82
N PHE A 185 4.10 -15.94 -0.95
CA PHE A 185 3.99 -14.49 -0.99
C PHE A 185 4.47 -13.91 -2.33
N ILE A 186 5.60 -14.41 -2.83
CA ILE A 186 6.14 -13.95 -4.11
C ILE A 186 5.13 -14.14 -5.22
N ALA A 187 4.38 -15.26 -5.18
CA ALA A 187 3.39 -15.59 -6.21
C ALA A 187 2.19 -14.67 -6.16
N VAL A 188 1.70 -14.39 -4.94
CA VAL A 188 0.59 -13.45 -4.76
C VAL A 188 0.93 -12.11 -5.38
N ILE A 189 2.18 -11.64 -5.20
CA ILE A 189 2.61 -10.36 -5.76
C ILE A 189 2.50 -10.39 -7.28
N ILE A 190 3.09 -11.40 -7.90
CA ILE A 190 3.09 -11.45 -9.36
C ILE A 190 1.66 -11.34 -9.89
N LEU A 191 0.76 -12.11 -9.32
CA LEU A 191 -0.62 -12.24 -9.78
C LEU A 191 -1.52 -11.17 -9.18
N SER A 192 -1.09 -9.91 -9.27
CA SER A 192 -1.91 -8.78 -8.86
C SER A 192 -2.72 -8.27 -10.05
N GLY A 193 -4.04 -8.20 -9.87
CA GLY A 193 -4.94 -7.68 -10.89
C GLY A 193 -5.02 -6.17 -11.02
N ASP A 194 -4.29 -5.40 -10.21
CA ASP A 194 -4.38 -3.94 -10.29
C ASP A 194 -3.21 -3.31 -11.04
N ARG A 195 -2.37 -4.10 -11.71
CA ARG A 195 -1.32 -3.52 -12.51
C ARG A 195 -1.91 -2.70 -13.67
N PRO A 196 -1.26 -1.59 -14.06
CA PRO A 196 -1.77 -0.83 -15.21
C PRO A 196 -1.70 -1.65 -16.50
N GLY A 197 -2.76 -1.55 -17.30
CA GLY A 197 -2.78 -2.03 -18.66
C GLY A 197 -3.17 -3.48 -18.82
N LEU A 198 -3.54 -4.17 -17.75
CA LEU A 198 -3.94 -5.56 -17.86
C LEU A 198 -5.20 -5.67 -18.70
N LEU A 199 -5.22 -6.68 -19.57
CA LEU A 199 -6.36 -6.87 -20.45
C LEU A 199 -7.48 -7.66 -19.80
N ASN A 200 -7.18 -8.71 -19.03
CA ASN A 200 -8.22 -9.54 -18.41
C ASN A 200 -7.92 -9.66 -16.92
N VAL A 201 -8.56 -8.80 -16.13
CA VAL A 201 -8.29 -8.80 -14.70
C VAL A 201 -8.88 -10.04 -14.03
N LYS A 202 -10.05 -10.49 -14.48
CA LYS A 202 -10.75 -11.58 -13.81
C LYS A 202 -9.91 -12.84 -13.66
N PRO A 203 -9.31 -13.42 -14.70
CA PRO A 203 -8.57 -14.68 -14.49
C PRO A 203 -7.31 -14.51 -13.67
N ILE A 204 -6.75 -13.30 -13.60
CA ILE A 204 -5.61 -13.06 -12.72
C ILE A 204 -6.05 -13.04 -11.26
N GLU A 205 -7.22 -12.47 -10.99
CA GLU A 205 -7.69 -12.42 -9.61
C GLU A 205 -8.08 -13.80 -9.11
N ASP A 206 -8.68 -14.62 -9.96
CA ASP A 206 -9.06 -15.97 -9.56
C ASP A 206 -7.84 -16.77 -9.13
N ILE A 207 -6.72 -16.60 -9.83
CA ILE A 207 -5.50 -17.23 -9.39
C ILE A 207 -5.06 -16.64 -8.04
N GLN A 208 -5.10 -15.30 -7.90
CA GLN A 208 -4.61 -14.70 -6.66
C GLN A 208 -5.44 -15.12 -5.46
N ASP A 209 -6.76 -15.23 -5.62
CA ASP A 209 -7.62 -15.68 -4.52
C ASP A 209 -7.15 -17.03 -4.00
N ASN A 210 -6.89 -17.98 -4.90
CA ASN A 210 -6.34 -19.27 -4.48
C ASN A 210 -4.99 -19.10 -3.79
N LEU A 211 -4.10 -18.30 -4.40
CA LEU A 211 -2.78 -18.10 -3.81
C LEU A 211 -2.89 -17.48 -2.43
N LEU A 212 -3.80 -16.51 -2.26
CA LEU A 212 -4.02 -15.90 -0.95
C LEU A 212 -4.55 -16.92 0.05
N GLN A 213 -5.57 -17.67 -0.35
CA GLN A 213 -6.05 -18.79 0.46
C GLN A 213 -4.90 -19.68 0.87
N ALA A 214 -4.01 -19.99 -0.09
CA ALA A 214 -2.85 -20.82 0.21
C ALA A 214 -1.90 -20.12 1.18
N LEU A 215 -1.71 -18.81 1.01
CA LEU A 215 -0.83 -18.08 1.93
C LEU A 215 -1.39 -18.08 3.34
N GLU A 216 -2.67 -17.75 3.49
CA GLU A 216 -3.33 -17.69 4.79
C GLU A 216 -3.17 -18.99 5.57
N LEU A 217 -3.47 -20.11 4.92
CA LEU A 217 -3.35 -21.40 5.59
C LEU A 217 -1.90 -21.74 5.88
N GLN A 218 -1.00 -21.48 4.94
CA GLN A 218 0.41 -21.67 5.20
C GLN A 218 0.86 -20.87 6.42
N LEU A 219 0.51 -19.58 6.48
CA LEU A 219 0.93 -18.75 7.62
C LEU A 219 0.25 -19.18 8.91
N LYS A 220 -1.01 -19.62 8.84
CA LYS A 220 -1.65 -20.08 10.07
C LYS A 220 -0.97 -21.34 10.61
N LEU A 221 -0.67 -22.31 9.73
CA LEU A 221 -0.07 -23.54 10.19
C LEU A 221 1.39 -23.34 10.59
N ASN A 222 2.16 -22.60 9.79
CA ASN A 222 3.60 -22.50 10.00
C ASN A 222 3.97 -21.48 11.09
N HIS A 223 3.08 -20.54 11.40
CA HIS A 223 3.36 -19.47 12.36
C HIS A 223 2.18 -19.30 13.30
N PRO A 224 1.82 -20.37 14.03
CA PRO A 224 0.56 -20.35 14.78
C PRO A 224 0.56 -19.41 15.98
N GLU A 225 1.72 -19.06 16.54
CA GLU A 225 1.79 -18.10 17.64
C GLU A 225 1.82 -16.64 17.17
N SER A 226 1.93 -16.41 15.85
CA SER A 226 2.08 -15.06 15.29
C SER A 226 0.70 -14.54 14.89
N SER A 227 0.10 -13.73 15.75
CA SER A 227 -1.27 -13.30 15.54
C SER A 227 -1.38 -12.41 14.31
N GLN A 228 -2.34 -12.74 13.44
CA GLN A 228 -2.67 -11.92 12.29
C GLN A 228 -1.44 -11.66 11.41
N LEU A 229 -0.57 -12.66 11.26
CA LEU A 229 0.60 -12.48 10.41
C LEU A 229 0.21 -12.25 8.96
N PHE A 230 -0.86 -12.92 8.51
CA PHE A 230 -1.41 -12.72 7.16
C PHE A 230 -1.72 -11.24 6.90
N ALA A 231 -2.54 -10.63 7.75
CA ALA A 231 -2.82 -9.20 7.59
C ALA A 231 -1.53 -8.39 7.60
N LYS A 232 -0.60 -8.69 8.53
CA LYS A 232 0.64 -7.92 8.60
C LYS A 232 1.47 -8.10 7.33
N LEU A 233 1.49 -9.30 6.78
CA LEU A 233 2.30 -9.53 5.58
C LEU A 233 1.69 -8.83 4.34
N LEU A 234 0.36 -8.75 4.24
CA LEU A 234 -0.23 -7.99 3.13
C LEU A 234 0.07 -6.49 3.26
N GLN A 235 0.03 -5.97 4.50
CA GLN A 235 0.40 -4.58 4.71
C GLN A 235 1.84 -4.29 4.30
N LYS A 236 2.73 -5.29 4.32
CA LYS A 236 4.08 -5.06 3.82
C LYS A 236 4.09 -4.87 2.31
N MET A 237 3.11 -5.44 1.60
CA MET A 237 2.97 -5.17 0.18
C MET A 237 2.63 -3.70 -0.07
N THR A 238 2.10 -2.98 0.92
CA THR A 238 2.04 -1.53 0.84
C THR A 238 3.44 -0.92 0.77
N ASP A 239 4.25 -1.12 1.82
CA ASP A 239 5.62 -0.58 1.85
C ASP A 239 6.39 -0.84 0.54
N LEU A 240 6.10 -1.95 -0.14
CA LEU A 240 6.83 -2.30 -1.36
C LEU A 240 6.40 -1.42 -2.51
N ARG A 241 5.12 -1.11 -2.58
CA ARG A 241 4.64 -0.25 -3.66
C ARG A 241 5.29 1.13 -3.62
N GLN A 242 5.42 1.71 -2.43
CA GLN A 242 6.03 3.02 -2.30
C GLN A 242 7.53 2.95 -2.52
N ILE A 243 8.17 1.89 -2.02
CA ILE A 243 9.62 1.77 -2.07
C ILE A 243 10.10 1.56 -3.49
N VAL A 244 9.33 0.88 -4.34
CA VAL A 244 9.71 0.76 -5.75
C VAL A 244 9.61 2.11 -6.43
N THR A 245 8.57 2.89 -6.08
CA THR A 245 8.40 4.24 -6.60
C THR A 245 9.64 5.08 -6.33
N GLU A 246 10.04 5.17 -5.06
CA GLU A 246 11.24 5.91 -4.72
C GLU A 246 12.46 5.40 -5.48
N HIS A 247 12.56 4.09 -5.67
CA HIS A 247 13.72 3.52 -6.33
C HIS A 247 13.86 4.03 -7.76
N VAL A 248 12.77 4.01 -8.53
CA VAL A 248 12.79 4.44 -9.93
C VAL A 248 12.95 5.96 -10.06
N GLN A 249 12.41 6.73 -9.12
CA GLN A 249 12.64 8.17 -9.12
C GLN A 249 14.06 8.55 -8.72
N LEU A 250 14.76 7.67 -8.02
CA LEU A 250 16.14 7.98 -7.69
C LEU A 250 17.08 7.53 -8.79
N LEU A 251 16.80 6.35 -9.36
CA LEU A 251 17.56 5.86 -10.50
C LEU A 251 17.46 6.80 -11.71
N GLN A 252 16.27 7.36 -11.97
CA GLN A 252 16.16 8.32 -13.07
C GLN A 252 17.11 9.49 -12.88
N VAL A 253 17.19 10.03 -11.66
CA VAL A 253 18.07 11.16 -11.37
C VAL A 253 19.53 10.78 -11.58
N ILE A 254 19.88 9.53 -11.28
CA ILE A 254 21.27 9.09 -11.30
C ILE A 254 21.79 8.97 -12.73
N LYS A 255 20.93 8.55 -13.66
CA LYS A 255 21.35 8.46 -15.07
C LYS A 255 21.60 9.84 -15.65
N LYS A 256 20.89 10.86 -15.15
CA LYS A 256 21.06 12.22 -15.67
C LYS A 256 22.43 12.77 -15.31
N THR A 257 23.02 12.34 -14.21
CA THR A 257 24.36 12.76 -13.81
C THR A 257 25.45 11.88 -14.42
N GLU A 258 25.27 10.54 -14.39
CA GLU A 258 26.32 9.60 -14.81
C GLU A 258 26.11 9.18 -16.27
N THR A 259 26.55 10.07 -17.17
CA THR A 259 26.38 9.84 -18.61
C THR A 259 27.09 8.57 -19.06
N ASP A 260 28.14 8.17 -18.34
CA ASP A 260 28.82 6.91 -18.66
C ASP A 260 27.88 5.72 -18.47
N MET A 261 27.40 5.52 -17.24
CA MET A 261 26.54 4.40 -16.84
C MET A 261 25.47 4.06 -17.86
N SER A 262 25.21 2.75 -18.01
CA SER A 262 24.12 2.27 -18.85
C SER A 262 23.47 1.04 -18.20
N LEU A 263 22.23 0.76 -18.60
CA LEU A 263 21.41 -0.26 -17.97
C LEU A 263 21.23 -1.45 -18.89
N HIS A 264 21.23 -2.63 -18.30
CA HIS A 264 20.98 -3.87 -19.03
C HIS A 264 19.67 -3.74 -19.82
N PRO A 265 19.64 -4.20 -21.07
CA PRO A 265 18.41 -4.04 -21.89
C PRO A 265 17.15 -4.57 -21.22
N LEU A 266 17.28 -5.63 -20.43
CA LEU A 266 16.15 -6.18 -19.70
C LEU A 266 15.63 -5.20 -18.65
N LEU A 267 16.54 -4.64 -17.83
CA LEU A 267 16.13 -3.60 -16.88
C LEU A 267 15.67 -2.34 -17.59
N GLN A 268 16.43 -1.90 -18.60
CA GLN A 268 16.02 -0.82 -19.47
C GLN A 268 14.56 -0.91 -19.88
N GLU A 269 14.14 -2.08 -20.38
CA GLU A 269 12.78 -2.18 -20.92
C GLU A 269 11.74 -2.11 -19.80
N ILE A 270 12.04 -2.67 -18.63
CA ILE A 270 11.09 -2.59 -17.52
C ILE A 270 10.87 -1.14 -17.12
N TYR A 271 11.94 -0.34 -17.11
CA TYR A 271 11.83 1.04 -16.65
C TYR A 271 11.35 1.99 -17.74
N LYS A 272 11.29 1.55 -19.01
CA LYS A 272 10.88 2.45 -20.09
C LYS A 272 9.48 2.97 -19.85
N ASP A 273 8.59 2.12 -19.34
CA ASP A 273 7.24 2.50 -18.94
C ASP A 273 7.13 2.56 -17.42
N LEU A 274 8.27 2.70 -16.74
CA LEU A 274 8.41 2.71 -15.27
C LEU A 274 8.11 1.37 -14.59
N MET B 4 -14.98 -18.61 22.42
CA MET B 4 -13.81 -18.32 23.24
C MET B 4 -13.48 -16.83 23.21
N GLU B 5 -13.54 -16.28 22.01
CA GLU B 5 -13.39 -14.84 21.77
C GLU B 5 -14.33 -14.36 20.68
N SER B 6 -15.06 -15.26 20.04
CA SER B 6 -15.90 -14.92 18.89
C SER B 6 -16.96 -13.89 19.27
N ALA B 7 -17.69 -14.14 20.37
CA ALA B 7 -18.69 -13.19 20.83
C ALA B 7 -18.08 -11.83 21.17
N ASP B 8 -16.87 -11.84 21.76
CA ASP B 8 -16.17 -10.59 22.05
C ASP B 8 -15.97 -9.75 20.80
N LEU B 9 -15.72 -10.42 19.65
CA LEU B 9 -15.47 -9.74 18.39
C LEU B 9 -16.75 -9.19 17.77
N ARG B 10 -17.86 -9.94 17.86
CA ARG B 10 -19.13 -9.39 17.39
C ARG B 10 -19.52 -8.18 18.21
N ALA B 11 -19.25 -8.22 19.52
CA ALA B 11 -19.50 -7.07 20.39
C ALA B 11 -18.70 -5.86 19.93
N LEU B 12 -17.41 -6.05 19.66
CA LEU B 12 -16.60 -4.94 19.16
C LEU B 12 -17.17 -4.40 17.85
N ALA B 13 -17.59 -5.28 16.94
CA ALA B 13 -18.20 -4.83 15.68
C ALA B 13 -19.46 -4.00 15.91
N LYS B 14 -20.30 -4.42 16.85
CA LYS B 14 -21.49 -3.66 17.19
C LYS B 14 -21.12 -2.35 17.87
N HIS B 15 -20.11 -2.39 18.73
CA HIS B 15 -19.70 -1.16 19.39
C HIS B 15 -19.26 -0.13 18.36
N LEU B 16 -18.43 -0.55 17.39
CA LEU B 16 -17.96 0.39 16.39
C LEU B 16 -19.07 0.79 15.45
N TYR B 17 -20.00 -0.11 15.17
CA TYR B 17 -21.11 0.27 14.30
C TYR B 17 -22.00 1.32 14.94
N ASP B 18 -22.43 1.09 16.18
CA ASP B 18 -23.31 2.05 16.84
C ASP B 18 -22.64 3.42 16.92
N SER B 19 -21.34 3.45 17.19
CA SER B 19 -20.61 4.71 17.28
C SER B 19 -20.54 5.39 15.92
N TYR B 20 -20.27 4.62 14.89
CA TYR B 20 -20.14 5.16 13.54
C TYR B 20 -21.42 5.87 13.08
N ILE B 21 -22.59 5.32 13.42
CA ILE B 21 -23.86 5.98 13.12
C ILE B 21 -23.97 7.32 13.84
N LYS B 22 -23.50 7.39 15.10
CA LYS B 22 -23.65 8.64 15.83
C LYS B 22 -22.67 9.70 15.34
N SER B 23 -21.47 9.28 14.93
CA SER B 23 -20.46 10.26 14.57
C SER B 23 -20.68 10.85 13.19
N PHE B 24 -21.32 10.12 12.31
CA PHE B 24 -21.26 10.57 10.95
C PHE B 24 -22.63 11.02 10.46
N PRO B 25 -22.71 12.19 9.82
CA PRO B 25 -24.02 12.74 9.47
C PRO B 25 -24.76 11.90 8.45
N LEU B 26 -24.08 11.45 7.42
CA LEU B 26 -24.72 10.75 6.31
C LEU B 26 -24.06 9.41 6.15
N THR B 27 -24.77 8.35 6.54
CA THR B 27 -24.23 7.01 6.39
C THR B 27 -24.20 6.62 4.91
N LYS B 28 -23.50 5.52 4.63
CA LYS B 28 -23.48 4.97 3.28
C LYS B 28 -24.83 4.40 2.90
N ALA B 29 -25.56 3.82 3.85
CA ALA B 29 -26.86 3.25 3.51
C ALA B 29 -27.87 4.33 3.10
N LYS B 30 -27.88 5.47 3.81
CA LYS B 30 -28.73 6.60 3.42
C LYS B 30 -28.24 7.22 2.11
N ALA B 31 -26.93 7.29 1.89
CA ALA B 31 -26.42 7.86 0.64
C ALA B 31 -26.79 7.00 -0.56
N ARG B 32 -26.77 5.67 -0.38
CA ARG B 32 -27.09 4.78 -1.50
C ARG B 32 -28.53 4.95 -1.94
N ALA B 33 -29.43 5.09 -0.99
CA ALA B 33 -30.84 5.30 -1.32
C ALA B 33 -31.02 6.57 -2.16
N ILE B 34 -30.26 7.62 -1.85
CA ILE B 34 -30.40 8.85 -2.63
C ILE B 34 -29.88 8.65 -4.05
N LEU B 35 -28.68 8.09 -4.18
CA LEU B 35 -28.04 8.02 -5.49
C LEU B 35 -28.81 7.10 -6.44
N THR B 36 -29.51 6.10 -5.89
CA THR B 36 -30.21 5.06 -6.64
C THR B 36 -31.66 5.42 -6.95
N GLY B 37 -32.35 6.09 -6.04
CA GLY B 37 -33.68 6.61 -6.32
C GLY B 37 -34.61 6.61 -5.12
N LYS B 38 -34.59 5.54 -4.34
CA LYS B 38 -35.53 5.38 -3.22
C LYS B 38 -35.37 6.48 -2.16
N LYS B 42 -37.95 13.91 -1.70
CA LYS B 42 -36.72 14.28 -1.04
C LYS B 42 -35.56 14.35 -2.04
N SER B 43 -35.84 14.82 -3.25
CA SER B 43 -34.86 14.69 -4.35
C SER B 43 -33.81 15.80 -4.27
N PRO B 44 -32.53 15.47 -4.44
CA PRO B 44 -31.47 16.47 -4.22
C PRO B 44 -31.36 17.48 -5.35
N PHE B 45 -30.78 18.63 -5.00
CA PHE B 45 -30.42 19.65 -5.96
C PHE B 45 -29.17 19.26 -6.73
N VAL B 46 -29.22 19.40 -8.05
CA VAL B 46 -28.15 18.89 -8.91
C VAL B 46 -27.33 20.06 -9.46
N ILE B 47 -26.03 19.99 -9.27
CA ILE B 47 -25.10 20.96 -9.81
C ILE B 47 -24.35 20.29 -10.94
N TYR B 48 -24.53 20.80 -12.15
CA TYR B 48 -23.88 20.25 -13.35
C TYR B 48 -23.09 21.29 -14.11
N ASP B 49 -23.19 22.56 -13.73
CA ASP B 49 -22.53 23.62 -14.48
C ASP B 49 -22.52 24.90 -13.65
N MET B 50 -22.02 25.96 -14.28
CA MET B 50 -21.82 27.25 -13.62
C MET B 50 -23.13 27.84 -13.10
N ASN B 51 -24.17 27.94 -13.96
CA ASN B 51 -25.43 28.57 -13.57
C ASN B 51 -26.14 27.84 -12.43
N SER B 52 -26.19 26.51 -12.48
CA SER B 52 -26.83 25.74 -11.41
C SER B 52 -25.99 25.72 -10.14
N LEU B 53 -24.67 25.97 -10.23
CA LEU B 53 -23.91 26.16 -9.01
C LEU B 53 -24.33 27.45 -8.30
N MET B 54 -24.55 28.53 -9.06
CA MET B 54 -24.98 29.78 -8.43
C MET B 54 -26.36 29.65 -7.80
N MET B 55 -27.24 28.84 -8.39
CA MET B 55 -28.55 28.65 -7.79
C MET B 55 -28.45 27.78 -6.55
N GLY B 56 -27.60 26.75 -6.58
CA GLY B 56 -27.46 25.88 -5.43
C GLY B 56 -26.93 26.58 -4.19
N GLU B 57 -26.02 27.54 -4.38
CA GLU B 57 -25.56 28.29 -3.22
C GLU B 57 -26.57 29.34 -2.77
N ASP B 58 -27.42 29.81 -3.69
CA ASP B 58 -28.48 30.77 -3.38
C ASP B 58 -29.67 30.10 -2.70
N LYS B 59 -29.73 28.76 -2.71
CA LYS B 59 -30.78 28.03 -2.04
C LYS B 59 -30.13 27.38 -0.83
N ILE B 60 -29.31 26.36 -1.06
CA ILE B 60 -28.59 25.73 0.03
C ILE B 60 -27.59 26.72 0.59
N LYS B 61 -27.56 26.87 1.91
CA LYS B 61 -26.67 27.86 2.52
C LYS B 61 -25.27 27.28 2.62
N PHE B 62 -24.45 27.51 1.60
CA PHE B 62 -23.09 27.01 1.62
C PHE B 62 -22.29 27.82 2.64
N LYS B 63 -22.12 27.27 3.85
CA LYS B 63 -21.32 27.90 4.88
C LYS B 63 -19.88 27.66 4.50
N HIS B 64 -19.23 28.67 3.93
CA HIS B 64 -17.86 28.64 3.41
C HIS B 64 -17.74 29.77 2.37
N ILE B 65 -18.86 30.22 1.82
CA ILE B 65 -18.85 31.34 0.88
C ILE B 65 -18.77 32.65 1.66
N THR B 66 -17.85 33.51 1.25
CA THR B 66 -17.67 34.81 1.88
C THR B 66 -18.79 35.76 1.42
N SER B 72 -12.25 34.86 -3.52
CA SER B 72 -12.24 34.48 -4.93
C SER B 72 -13.63 34.35 -5.51
N LYS B 73 -13.85 34.99 -6.66
CA LYS B 73 -15.11 34.87 -7.37
C LYS B 73 -15.12 33.74 -8.38
N GLU B 74 -13.98 33.07 -8.59
CA GLU B 74 -13.88 32.08 -9.64
C GLU B 74 -14.60 30.80 -9.25
N VAL B 75 -15.08 30.07 -10.27
CA VAL B 75 -15.89 28.89 -10.01
C VAL B 75 -15.03 27.75 -9.45
N ALA B 76 -13.88 27.48 -10.09
CA ALA B 76 -13.09 26.31 -9.68
C ALA B 76 -12.51 26.49 -8.28
N ILE B 77 -12.15 27.72 -7.89
CA ILE B 77 -11.64 27.96 -6.56
C ILE B 77 -12.74 27.77 -5.53
N ARG B 78 -13.96 28.23 -5.83
CA ARG B 78 -15.07 28.10 -4.90
C ARG B 78 -15.45 26.64 -4.64
N ILE B 79 -15.34 25.79 -5.65
CA ILE B 79 -15.58 24.36 -5.43
C ILE B 79 -14.47 23.77 -4.59
N PHE B 80 -13.22 24.10 -4.92
CA PHE B 80 -12.09 23.66 -4.11
C PHE B 80 -12.27 24.05 -2.66
N GLN B 81 -12.66 25.31 -2.41
CA GLN B 81 -12.82 25.77 -1.04
C GLN B 81 -13.95 25.03 -0.33
N GLY B 82 -14.99 24.62 -1.07
CA GLY B 82 -16.06 23.82 -0.49
C GLY B 82 -15.61 22.45 0.00
N CYS B 83 -14.72 21.80 -0.77
CA CYS B 83 -14.15 20.52 -0.33
C CYS B 83 -13.30 20.68 0.93
N GLN B 84 -12.50 21.74 0.98
CA GLN B 84 -11.72 22.03 2.18
C GLN B 84 -12.60 22.16 3.40
N PHE B 85 -13.61 23.04 3.34
CA PHE B 85 -14.49 23.26 4.47
C PHE B 85 -15.11 21.95 4.97
N ARG B 86 -15.51 21.07 4.06
CA ARG B 86 -16.12 19.81 4.49
C ARG B 86 -15.09 18.87 5.07
N SER B 87 -13.87 18.89 4.53
CA SER B 87 -12.80 18.05 5.07
C SER B 87 -12.45 18.44 6.49
N VAL B 88 -12.49 19.74 6.80
CA VAL B 88 -12.27 20.18 8.16
C VAL B 88 -13.34 19.61 9.09
N GLU B 89 -14.60 19.62 8.65
CA GLU B 89 -15.66 18.99 9.44
C GLU B 89 -15.43 17.48 9.59
N ALA B 90 -14.95 16.83 8.54
CA ALA B 90 -14.76 15.40 8.63
C ALA B 90 -13.64 15.06 9.61
N VAL B 91 -12.56 15.85 9.63
CA VAL B 91 -11.50 15.60 10.61
C VAL B 91 -12.06 15.58 12.02
N GLN B 92 -12.94 16.53 12.35
CA GLN B 92 -13.56 16.51 13.67
C GLN B 92 -14.49 15.32 13.81
N GLU B 93 -15.22 14.95 12.76
CA GLU B 93 -16.07 13.78 12.91
C GLU B 93 -15.25 12.53 13.19
N ILE B 94 -14.15 12.33 12.45
CA ILE B 94 -13.27 11.17 12.64
C ILE B 94 -12.59 11.19 14.01
N THR B 95 -12.22 12.38 14.48
CA THR B 95 -11.60 12.54 15.77
C THR B 95 -12.51 12.08 16.89
N GLU B 96 -13.80 12.41 16.81
CA GLU B 96 -14.73 11.97 17.84
C GLU B 96 -15.01 10.47 17.75
N TYR B 97 -15.13 9.94 16.53
CA TYR B 97 -15.32 8.50 16.37
C TYR B 97 -14.16 7.73 16.95
N ALA B 98 -12.93 8.22 16.76
CA ALA B 98 -11.73 7.57 17.29
C ALA B 98 -11.82 7.30 18.79
N LYS B 99 -12.35 8.26 19.57
CA LYS B 99 -12.47 8.10 21.02
C LYS B 99 -13.29 6.86 21.39
N SER B 100 -14.16 6.37 20.50
CA SER B 100 -14.97 5.20 20.87
C SER B 100 -14.28 3.88 20.57
N ILE B 101 -13.12 3.89 19.92
CA ILE B 101 -12.40 2.65 19.62
C ILE B 101 -11.77 2.14 20.91
N PRO B 102 -12.21 1.00 21.44
CA PRO B 102 -11.66 0.50 22.72
C PRO B 102 -10.14 0.50 22.75
N GLY B 103 -9.59 1.24 23.71
CA GLY B 103 -8.17 1.37 23.89
C GLY B 103 -7.59 2.68 23.41
N PHE B 104 -8.25 3.38 22.49
CA PHE B 104 -7.65 4.57 21.89
C PHE B 104 -7.40 5.68 22.93
N VAL B 105 -8.40 6.01 23.75
CA VAL B 105 -8.20 7.13 24.67
C VAL B 105 -7.15 6.80 25.73
N ASN B 106 -6.82 5.52 25.92
CA ASN B 106 -5.81 5.16 26.90
C ASN B 106 -4.40 5.26 26.36
N LEU B 107 -4.23 5.64 25.09
CA LEU B 107 -2.88 5.81 24.57
C LEU B 107 -2.28 7.15 24.96
N ASP B 108 -0.95 7.18 24.95
CA ASP B 108 -0.14 8.38 25.06
C ASP B 108 -0.72 9.48 24.17
N LEU B 109 -0.99 10.65 24.77
CA LEU B 109 -1.71 11.69 24.03
C LEU B 109 -1.00 12.06 22.74
N ASN B 110 0.33 12.06 22.74
CA ASN B 110 1.09 12.35 21.54
C ASN B 110 0.80 11.34 20.43
N ASP B 111 0.64 10.05 20.80
CA ASP B 111 0.34 9.01 19.82
C ASP B 111 -1.08 9.13 19.27
N GLN B 112 -2.04 9.48 20.12
CA GLN B 112 -3.37 9.86 19.66
C GLN B 112 -3.29 10.97 18.61
N VAL B 113 -2.58 12.05 18.91
CA VAL B 113 -2.48 13.13 17.94
C VAL B 113 -1.81 12.64 16.67
N THR B 114 -0.78 11.80 16.81
CA THR B 114 -0.04 11.36 15.62
C THR B 114 -0.88 10.44 14.75
N LEU B 115 -1.63 9.51 15.36
CA LEU B 115 -2.44 8.57 14.58
C LEU B 115 -3.54 9.31 13.81
N LEU B 116 -4.19 10.29 14.45
CA LEU B 116 -5.19 11.09 13.75
C LEU B 116 -4.57 11.94 12.65
N LYS B 117 -3.45 12.61 12.93
CA LYS B 117 -2.78 13.44 11.93
C LYS B 117 -2.49 12.68 10.63
N TYR B 118 -1.99 11.45 10.74
CA TYR B 118 -1.64 10.69 9.56
C TYR B 118 -2.78 9.81 9.04
N GLY B 119 -3.88 9.68 9.78
CA GLY B 119 -4.96 8.82 9.35
C GLY B 119 -6.14 9.50 8.68
N VAL B 120 -6.37 10.78 8.99
CA VAL B 120 -7.60 11.45 8.56
C VAL B 120 -7.72 11.46 7.04
N HIS B 121 -6.60 11.66 6.32
CA HIS B 121 -6.69 11.71 4.86
C HIS B 121 -7.14 10.37 4.29
N GLU B 122 -6.54 9.27 4.74
CA GLU B 122 -6.95 7.96 4.23
C GLU B 122 -8.40 7.67 4.58
N ILE B 123 -8.87 8.19 5.71
CA ILE B 123 -10.25 7.92 6.09
C ILE B 123 -11.20 8.80 5.29
N ILE B 124 -10.87 10.08 5.13
CA ILE B 124 -11.72 10.96 4.33
C ILE B 124 -11.91 10.39 2.94
N TYR B 125 -10.80 10.04 2.28
CA TYR B 125 -10.86 9.37 0.97
C TYR B 125 -11.76 8.14 1.01
N THR B 126 -11.65 7.33 2.06
CA THR B 126 -12.43 6.11 2.12
C THR B 126 -13.93 6.40 2.24
N MET B 127 -14.31 7.31 3.14
CA MET B 127 -15.73 7.60 3.37
C MET B 127 -16.32 8.46 2.26
N LEU B 128 -15.48 9.24 1.57
CA LEU B 128 -15.93 9.96 0.41
C LEU B 128 -16.47 8.98 -0.63
N ALA B 129 -15.89 7.78 -0.72
CA ALA B 129 -16.43 6.78 -1.63
C ALA B 129 -17.87 6.45 -1.30
N SER B 130 -18.23 6.45 -0.02
CA SER B 130 -19.62 6.19 0.33
C SER B 130 -20.58 7.18 -0.32
N LEU B 131 -20.13 8.42 -0.56
CA LEU B 131 -21.00 9.45 -1.13
C LEU B 131 -20.92 9.55 -2.65
N MET B 132 -20.15 8.71 -3.31
CA MET B 132 -19.86 8.88 -4.73
C MET B 132 -20.47 7.72 -5.51
N ASN B 133 -20.87 8.01 -6.74
CA ASN B 133 -21.00 6.97 -7.76
C ASN B 133 -20.27 7.41 -9.02
N LYS B 134 -20.43 6.67 -10.12
CA LYS B 134 -19.62 6.99 -11.28
C LYS B 134 -19.98 8.34 -11.87
N ASP B 135 -21.13 8.90 -11.48
CA ASP B 135 -21.66 10.09 -12.14
C ASP B 135 -21.58 11.36 -11.32
N GLY B 136 -21.28 11.27 -10.02
CA GLY B 136 -21.11 12.48 -9.25
C GLY B 136 -21.05 12.18 -7.77
N VAL B 137 -21.22 13.23 -6.95
CA VAL B 137 -21.00 13.13 -5.52
C VAL B 137 -22.08 13.88 -4.77
N LEU B 138 -22.51 13.29 -3.64
CA LEU B 138 -23.41 13.94 -2.69
C LEU B 138 -22.67 14.96 -1.84
N ILE B 139 -23.32 16.10 -1.61
CA ILE B 139 -22.81 17.19 -0.79
C ILE B 139 -23.96 17.67 0.09
N SER B 140 -23.62 18.53 1.06
CA SER B 140 -24.60 19.18 1.95
C SER B 140 -25.53 18.17 2.59
N GLU B 141 -24.95 17.14 3.19
CA GLU B 141 -25.72 16.13 3.92
C GLU B 141 -26.70 15.38 3.02
N GLY B 142 -26.37 15.26 1.73
CA GLY B 142 -27.23 14.60 0.77
C GLY B 142 -28.24 15.50 0.08
N GLN B 143 -28.33 16.79 0.47
CA GLN B 143 -29.24 17.70 -0.17
C GLN B 143 -28.84 18.05 -1.59
N GLY B 144 -27.54 17.94 -1.92
CA GLY B 144 -27.05 18.28 -3.24
C GLY B 144 -26.37 17.09 -3.88
N PHE B 145 -26.16 17.22 -5.20
CA PHE B 145 -25.48 16.21 -5.99
C PHE B 145 -24.74 16.95 -7.10
N MET B 146 -23.42 16.95 -7.05
CA MET B 146 -22.59 17.63 -8.02
C MET B 146 -21.98 16.58 -8.94
N THR B 147 -22.08 16.81 -10.26
CA THR B 147 -21.76 15.76 -11.22
C THR B 147 -20.25 15.61 -11.40
N ARG B 148 -19.83 14.39 -11.76
CA ARG B 148 -18.43 14.13 -12.05
C ARG B 148 -17.96 14.88 -13.30
N GLU B 149 -18.80 14.95 -14.35
CA GLU B 149 -18.41 15.66 -15.56
C GLU B 149 -18.07 17.12 -15.27
N PHE B 150 -18.94 17.79 -14.49
CA PHE B 150 -18.68 19.18 -14.15
C PHE B 150 -17.38 19.32 -13.36
N LEU B 151 -17.21 18.54 -12.29
CA LEU B 151 -16.01 18.58 -11.46
C LEU B 151 -14.76 18.26 -12.27
N LYS B 152 -14.76 17.11 -12.94
CA LYS B 152 -13.62 16.70 -13.77
C LYS B 152 -13.23 17.75 -14.81
N SER B 153 -14.19 18.54 -15.30
CA SER B 153 -13.92 19.49 -16.37
C SER B 153 -13.55 20.88 -15.89
N LEU B 154 -13.27 21.06 -14.61
CA LEU B 154 -12.83 22.35 -14.12
C LEU B 154 -11.46 22.67 -14.68
N ARG B 155 -11.11 23.96 -14.67
CA ARG B 155 -9.96 24.39 -15.41
C ARG B 155 -8.66 24.02 -14.72
N LYS B 156 -7.57 24.27 -15.47
CA LYS B 156 -6.16 24.13 -15.17
C LYS B 156 -5.98 23.02 -14.14
N PRO B 157 -5.43 23.20 -12.92
CA PRO B 157 -5.10 22.01 -12.13
C PRO B 157 -6.31 21.42 -11.42
N PHE B 158 -7.43 22.15 -11.33
CA PHE B 158 -8.55 21.74 -10.49
C PHE B 158 -9.30 20.54 -11.07
N GLY B 159 -9.39 20.44 -12.39
CA GLY B 159 -10.00 19.29 -13.00
C GLY B 159 -9.28 18.01 -12.63
N ASP B 160 -7.97 17.96 -12.88
CA ASP B 160 -7.14 16.81 -12.56
C ASP B 160 -7.08 16.52 -11.06
N PHE B 161 -7.46 17.48 -10.22
CA PHE B 161 -7.40 17.26 -8.78
C PHE B 161 -8.63 16.52 -8.27
N MET B 162 -9.79 16.77 -8.90
CA MET B 162 -11.07 16.19 -8.48
C MET B 162 -11.17 14.73 -8.93
N GLU B 163 -10.75 14.45 -10.16
CA GLU B 163 -11.03 13.16 -10.80
C GLU B 163 -10.42 11.95 -10.10
N PRO B 164 -9.16 11.97 -9.61
CA PRO B 164 -8.63 10.78 -8.91
C PRO B 164 -9.51 10.28 -7.78
N LYS B 165 -10.21 11.17 -7.09
CA LYS B 165 -11.14 10.76 -6.02
C LYS B 165 -12.24 9.87 -6.59
N PHE B 166 -12.83 10.26 -7.73
CA PHE B 166 -13.83 9.43 -8.38
C PHE B 166 -13.24 8.10 -8.84
N GLU B 167 -12.06 8.14 -9.48
CA GLU B 167 -11.41 6.91 -9.93
C GLU B 167 -11.18 5.94 -8.77
N PHE B 168 -10.77 6.45 -7.60
CA PHE B 168 -10.66 5.60 -6.43
C PHE B 168 -12.01 5.07 -5.97
N ALA B 169 -13.00 5.97 -5.85
CA ALA B 169 -14.28 5.58 -5.27
C ALA B 169 -14.94 4.48 -6.09
N VAL B 170 -14.87 4.61 -7.42
CA VAL B 170 -15.48 3.62 -8.30
C VAL B 170 -14.85 2.25 -8.06
N LYS B 171 -13.53 2.19 -7.92
CA LYS B 171 -12.88 0.91 -7.69
C LYS B 171 -13.18 0.37 -6.30
N PHE B 172 -13.16 1.24 -5.28
CA PHE B 172 -13.41 0.81 -3.91
C PHE B 172 -14.85 0.35 -3.73
N ASN B 173 -15.79 1.05 -4.34
CA ASN B 173 -17.18 0.71 -4.12
C ASN B 173 -17.52 -0.63 -4.73
N ALA B 174 -16.70 -1.12 -5.66
CA ALA B 174 -16.89 -2.45 -6.21
C ALA B 174 -16.82 -3.53 -5.13
N LEU B 175 -16.18 -3.25 -3.99
CA LEU B 175 -16.17 -4.24 -2.93
C LEU B 175 -17.54 -4.35 -2.25
N GLU B 176 -18.39 -3.33 -2.37
CA GLU B 176 -19.76 -3.38 -1.85
C GLU B 176 -19.81 -3.50 -0.33
N LEU B 177 -18.97 -2.76 0.37
CA LEU B 177 -19.04 -2.74 1.83
C LEU B 177 -20.26 -1.90 2.31
N ASP B 178 -20.85 -2.30 3.43
CA ASP B 178 -21.84 -1.46 4.10
C ASP B 178 -21.25 -0.82 5.36
N ASP B 179 -22.08 -0.06 6.09
CA ASP B 179 -21.58 0.76 7.20
C ASP B 179 -20.96 -0.10 8.31
N SER B 180 -21.57 -1.26 8.62
CA SER B 180 -21.03 -2.11 9.67
C SER B 180 -19.62 -2.60 9.32
N ASP B 181 -19.36 -2.88 8.03
CA ASP B 181 -17.99 -3.23 7.61
C ASP B 181 -17.08 -2.01 7.75
N LEU B 182 -17.55 -0.87 7.25
CA LEU B 182 -16.71 0.32 7.21
C LEU B 182 -16.35 0.82 8.60
N ALA B 183 -17.23 0.63 9.59
CA ALA B 183 -16.90 1.06 10.94
C ALA B 183 -15.62 0.39 11.42
N ILE B 184 -15.48 -0.91 11.19
CA ILE B 184 -14.27 -1.62 11.60
C ILE B 184 -13.09 -1.23 10.72
N PHE B 185 -13.31 -1.10 9.40
CA PHE B 185 -12.21 -0.79 8.49
C PHE B 185 -11.57 0.54 8.86
N ILE B 186 -12.41 1.56 9.11
CA ILE B 186 -11.94 2.88 9.52
C ILE B 186 -11.10 2.78 10.78
N ALA B 187 -11.52 1.93 11.71
CA ALA B 187 -10.79 1.82 12.96
C ALA B 187 -9.40 1.23 12.75
N VAL B 188 -9.30 0.22 11.87
CA VAL B 188 -8.02 -0.38 11.54
C VAL B 188 -7.05 0.66 11.01
N ILE B 189 -7.54 1.57 10.16
CA ILE B 189 -6.65 2.58 9.58
C ILE B 189 -6.05 3.45 10.68
N ILE B 190 -6.90 4.00 11.57
CA ILE B 190 -6.46 4.91 12.60
C ILE B 190 -5.34 4.27 13.40
N LEU B 191 -5.54 3.02 13.78
CA LEU B 191 -4.62 2.31 14.65
C LEU B 191 -3.47 1.69 13.86
N SER B 192 -2.81 2.45 12.97
CA SER B 192 -1.66 1.94 12.23
C SER B 192 -0.39 2.16 13.03
N GLY B 193 0.31 1.09 13.33
CA GLY B 193 1.51 1.26 14.12
C GLY B 193 2.73 1.79 13.39
N ASP B 194 2.64 2.05 12.09
CA ASP B 194 3.83 2.52 11.38
C ASP B 194 3.81 4.02 11.09
N ARG B 195 2.92 4.79 11.72
CA ARG B 195 2.96 6.22 11.47
C ARG B 195 4.26 6.82 11.98
N PRO B 196 4.81 7.82 11.29
CA PRO B 196 6.06 8.41 11.76
C PRO B 196 5.88 9.04 13.13
N GLY B 197 6.83 8.78 14.01
CA GLY B 197 6.91 9.52 15.25
C GLY B 197 6.14 8.94 16.40
N LEU B 198 5.60 7.73 16.27
CA LEU B 198 4.92 7.11 17.40
C LEU B 198 5.92 6.79 18.53
N LEU B 199 5.51 7.05 19.77
CA LEU B 199 6.39 6.76 20.89
C LEU B 199 6.24 5.33 21.40
N ASN B 200 5.02 4.81 21.44
CA ASN B 200 4.76 3.45 21.94
C ASN B 200 3.90 2.65 20.94
N VAL B 201 4.59 1.89 20.08
CA VAL B 201 3.92 1.15 19.01
C VAL B 201 3.13 -0.05 19.51
N LYS B 202 3.64 -0.75 20.53
CA LYS B 202 3.04 -2.03 20.92
C LYS B 202 1.54 -1.96 21.17
N PRO B 203 1.00 -1.09 22.03
CA PRO B 203 -0.44 -1.13 22.29
C PRO B 203 -1.28 -0.68 21.11
N ILE B 204 -0.71 0.07 20.17
CA ILE B 204 -1.45 0.43 18.95
C ILE B 204 -1.61 -0.78 18.06
N GLU B 205 -0.56 -1.61 17.96
CA GLU B 205 -0.65 -2.86 17.21
C GLU B 205 -1.55 -3.84 17.93
N ASP B 206 -1.45 -3.88 19.25
CA ASP B 206 -2.29 -4.81 19.99
C ASP B 206 -3.75 -4.51 19.73
N ILE B 207 -4.12 -3.23 19.71
CA ILE B 207 -5.49 -2.84 19.36
C ILE B 207 -5.79 -3.17 17.90
N GLN B 208 -4.86 -2.87 16.98
CA GLN B 208 -5.14 -3.15 15.57
C GLN B 208 -5.35 -4.64 15.33
N ASP B 209 -4.61 -5.51 16.03
CA ASP B 209 -4.84 -6.96 15.91
C ASP B 209 -6.27 -7.33 16.27
N ASN B 210 -6.78 -6.80 17.39
CA ASN B 210 -8.18 -7.02 17.71
C ASN B 210 -9.09 -6.53 16.61
N LEU B 211 -8.85 -5.33 16.11
CA LEU B 211 -9.72 -4.77 15.08
C LEU B 211 -9.68 -5.64 13.84
N LEU B 212 -8.49 -6.12 13.46
CA LEU B 212 -8.35 -6.99 12.29
C LEU B 212 -9.15 -8.28 12.44
N GLN B 213 -9.00 -8.96 13.58
CA GLN B 213 -9.83 -10.14 13.88
C GLN B 213 -11.31 -9.82 13.71
N ALA B 214 -11.76 -8.70 14.25
CA ALA B 214 -13.18 -8.33 14.17
C ALA B 214 -13.60 -8.07 12.73
N LEU B 215 -12.75 -7.38 11.95
CA LEU B 215 -13.06 -7.15 10.55
C LEU B 215 -13.14 -8.48 9.80
N GLU B 216 -12.15 -9.36 10.03
CA GLU B 216 -12.09 -10.67 9.40
C GLU B 216 -13.39 -11.45 9.60
N LEU B 217 -13.84 -11.58 10.86
CA LEU B 217 -15.07 -12.32 11.16
C LEU B 217 -16.31 -11.60 10.63
N GLN B 218 -16.34 -10.27 10.78
CA GLN B 218 -17.42 -9.47 10.22
C GLN B 218 -17.56 -9.71 8.71
N LEU B 219 -16.46 -9.65 7.97
CA LEU B 219 -16.52 -9.82 6.52
C LEU B 219 -16.98 -11.22 6.13
N LYS B 220 -16.58 -12.25 6.91
CA LYS B 220 -17.03 -13.62 6.64
C LYS B 220 -18.53 -13.76 6.89
N LEU B 221 -19.01 -13.26 8.02
CA LEU B 221 -20.43 -13.41 8.34
C LEU B 221 -21.30 -12.58 7.43
N ASN B 222 -20.85 -11.36 7.13
CA ASN B 222 -21.65 -10.40 6.37
C ASN B 222 -21.56 -10.64 4.85
N HIS B 223 -20.48 -11.27 4.39
CA HIS B 223 -20.21 -11.46 2.96
C HIS B 223 -19.72 -12.88 2.71
N PRO B 224 -20.55 -13.90 2.98
CA PRO B 224 -20.03 -15.27 2.95
C PRO B 224 -19.69 -15.76 1.55
N GLU B 225 -20.30 -15.19 0.51
CA GLU B 225 -20.08 -15.53 -0.89
C GLU B 225 -18.90 -14.80 -1.52
N SER B 226 -18.30 -13.83 -0.83
CA SER B 226 -17.21 -13.01 -1.34
C SER B 226 -15.87 -13.54 -0.84
N SER B 227 -15.18 -14.30 -1.70
CA SER B 227 -13.92 -14.94 -1.36
C SER B 227 -12.80 -13.91 -1.16
N GLN B 228 -12.03 -14.10 -0.08
CA GLN B 228 -10.83 -13.29 0.21
C GLN B 228 -11.13 -11.80 0.14
N LEU B 229 -12.32 -11.42 0.60
CA LEU B 229 -12.67 -10.01 0.66
C LEU B 229 -11.80 -9.30 1.68
N PHE B 230 -11.53 -9.97 2.81
CA PHE B 230 -10.60 -9.46 3.81
C PHE B 230 -9.28 -9.05 3.17
N ALA B 231 -8.66 -9.97 2.43
CA ALA B 231 -7.42 -9.66 1.74
C ALA B 231 -7.58 -8.48 0.79
N LYS B 232 -8.63 -8.51 -0.05
CA LYS B 232 -8.84 -7.46 -1.05
C LYS B 232 -9.06 -6.11 -0.39
N LEU B 233 -9.66 -6.12 0.79
CA LEU B 233 -9.86 -4.87 1.53
C LEU B 233 -8.54 -4.36 2.10
N LEU B 234 -7.65 -5.25 2.55
CA LEU B 234 -6.34 -4.78 3.02
C LEU B 234 -5.51 -4.28 1.85
N GLN B 235 -5.61 -4.95 0.71
CA GLN B 235 -4.91 -4.47 -0.48
C GLN B 235 -5.38 -3.08 -0.86
N LYS B 236 -6.61 -2.69 -0.49
CA LYS B 236 -7.08 -1.35 -0.78
C LYS B 236 -6.35 -0.29 0.04
N MET B 237 -5.84 -0.65 1.21
CA MET B 237 -4.98 0.30 1.92
C MET B 237 -3.66 0.56 1.18
N THR B 238 -3.27 -0.31 0.25
CA THR B 238 -2.21 0.06 -0.70
C THR B 238 -2.66 1.27 -1.51
N ASP B 239 -3.75 1.12 -2.26
CA ASP B 239 -4.30 2.24 -3.03
C ASP B 239 -4.46 3.51 -2.20
N LEU B 240 -4.66 3.37 -0.88
CA LEU B 240 -4.91 4.53 -0.02
C LEU B 240 -3.64 5.32 0.28
N ARG B 241 -2.54 4.62 0.58
CA ARG B 241 -1.30 5.33 0.86
C ARG B 241 -0.82 6.08 -0.38
N GLN B 242 -0.94 5.44 -1.54
CA GLN B 242 -0.38 6.03 -2.75
C GLN B 242 -1.19 7.25 -3.19
N ILE B 243 -2.52 7.15 -3.13
CA ILE B 243 -3.37 8.25 -3.62
C ILE B 243 -3.31 9.45 -2.66
N VAL B 244 -3.10 9.22 -1.36
CA VAL B 244 -2.89 10.34 -0.43
C VAL B 244 -1.54 11.01 -0.72
N THR B 245 -0.53 10.22 -1.03
CA THR B 245 0.75 10.78 -1.43
C THR B 245 0.59 11.73 -2.62
N GLU B 246 0.00 11.24 -3.71
CA GLU B 246 -0.26 12.12 -4.85
C GLU B 246 -1.11 13.33 -4.45
N HIS B 247 -2.08 13.11 -3.57
CA HIS B 247 -2.99 14.19 -3.19
C HIS B 247 -2.25 15.36 -2.55
N VAL B 248 -1.32 15.07 -1.62
CA VAL B 248 -0.60 16.15 -0.96
C VAL B 248 0.38 16.82 -1.92
N GLN B 249 0.95 16.07 -2.86
CA GLN B 249 1.77 16.68 -3.90
C GLN B 249 0.94 17.49 -4.88
N LEU B 250 -0.37 17.28 -4.93
CA LEU B 250 -1.19 18.12 -5.79
C LEU B 250 -1.63 19.38 -5.06
N LEU B 251 -1.96 19.27 -3.77
CA LEU B 251 -2.21 20.47 -2.97
C LEU B 251 -1.02 21.41 -3.00
N GLN B 252 0.20 20.87 -2.95
CA GLN B 252 1.40 21.71 -3.01
C GLN B 252 1.42 22.57 -4.26
N VAL B 253 1.13 21.97 -5.42
CA VAL B 253 1.10 22.72 -6.67
C VAL B 253 0.02 23.78 -6.66
N ILE B 254 -1.13 23.49 -6.02
CA ILE B 254 -2.24 24.45 -5.98
C ILE B 254 -1.92 25.60 -5.04
N LYS B 255 -1.24 25.33 -3.93
CA LYS B 255 -0.87 26.43 -3.05
C LYS B 255 0.20 27.30 -3.71
N LYS B 256 1.14 26.70 -4.45
CA LYS B 256 2.23 27.47 -5.05
C LYS B 256 1.78 28.24 -6.28
N THR B 257 0.86 27.69 -7.09
CA THR B 257 0.42 28.37 -8.31
C THR B 257 -0.77 29.29 -8.05
N GLU B 258 -1.76 28.81 -7.31
CA GLU B 258 -2.94 29.62 -7.04
C GLU B 258 -2.79 30.27 -5.66
N THR B 259 -3.88 30.36 -4.90
CA THR B 259 -3.83 30.97 -3.57
C THR B 259 -5.13 30.66 -2.84
N HIS B 264 -7.03 35.25 4.12
CA HIS B 264 -6.76 35.70 5.47
C HIS B 264 -5.82 34.74 6.17
N PRO B 265 -4.78 35.27 6.82
CA PRO B 265 -3.87 34.39 7.59
C PRO B 265 -4.60 33.48 8.58
N LEU B 266 -5.73 33.95 9.14
CA LEU B 266 -6.54 33.12 10.02
C LEU B 266 -7.13 31.93 9.25
N LEU B 267 -7.69 32.21 8.06
CA LEU B 267 -8.20 31.14 7.21
C LEU B 267 -7.07 30.18 6.84
N GLN B 268 -5.95 30.72 6.37
CA GLN B 268 -4.72 29.95 6.20
C GLN B 268 -4.46 29.03 7.39
N GLU B 269 -4.58 29.58 8.61
CA GLU B 269 -4.22 28.84 9.81
C GLU B 269 -5.18 27.67 10.06
N ILE B 270 -6.48 27.89 9.78
CA ILE B 270 -7.49 26.85 9.96
C ILE B 270 -7.19 25.65 9.07
N TYR B 271 -6.81 25.92 7.81
CA TYR B 271 -6.57 24.92 6.78
C TYR B 271 -5.12 24.43 6.72
N LYS B 272 -4.27 24.83 7.68
CA LYS B 272 -2.84 24.53 7.63
C LYS B 272 -2.52 23.06 7.39
N ASP B 273 -3.38 22.13 7.79
CA ASP B 273 -3.06 20.72 7.58
C ASP B 273 -3.63 20.16 6.26
N1 A1IPT C . 29.41 -5.33 -5.88
N3 A1IPT C . 19.95 -3.14 -6.09
C3 A1IPT C . 27.33 -6.20 -5.07
N2 A1IPT C . 19.82 -4.48 -6.36
C8 A1IPT C . 23.84 -7.64 -4.56
C9 A1IPT C . 21.50 -7.41 -5.10
O1 A1IPT C . 28.78 -7.38 -6.55
C1 A1IPT C . 30.62 -5.29 -6.67
C2 A1IPT C . 28.56 -6.36 -5.90
C10 A1IPT C . 21.39 -8.78 -5.09
C4 A1IPT C . 27.34 -5.21 -4.10
C5 A1IPT C . 26.24 -5.00 -3.30
C6 A1IPT C . 25.11 -5.80 -3.46
C7 A1IPT C . 25.07 -6.80 -4.42
C12 A1IPT C . 20.05 -10.88 -5.27
C11 A1IPT C . 20.16 -9.38 -5.31
O2 A1IPT C . 22.71 -6.82 -4.88
CL1 A1IPT C . 16.95 -3.51 -5.69
C13 A1IPT C . 19.03 -8.60 -5.56
C14 A1IPT C . 19.14 -7.23 -5.59
C15 A1IPT C . 20.38 -6.62 -5.38
C16 A1IPT C . 20.41 -5.15 -5.38
C17 A1IPT C . 19.38 -2.21 -6.97
C18 A1IPT C . 18.30 -2.65 -7.92
C19 A1IPT C . 17.16 -3.27 -7.40
C20 A1IPT C . 16.13 -3.69 -8.23
C21 A1IPT C . 16.25 -3.52 -9.58
C22 A1IPT C . 17.37 -2.91 -10.11
C23 A1IPT C . 18.41 -2.49 -9.30
C24 A1IPT C . 19.59 -1.83 -9.95
C25 A1IPT C . 20.61 -2.94 -4.88
C26 A1IPT C . 20.97 -1.80 -4.18
C27 A1IPT C . 21.62 -1.95 -2.98
C28 A1IPT C . 21.92 -3.23 -2.50
C29 A1IPT C . 21.60 -4.37 -3.19
C30 A1IPT C . 20.92 -4.22 -4.40
C31 A1IPT C . 26.19 -7.00 -5.22
F1 A1IPT C . 19.46 -0.51 -10.03
F2 A1IPT C . 20.76 -2.07 -9.34
F3 A1IPT C . 19.78 -2.24 -11.19
O3 A1IPT C . 18.93 -11.41 -5.48
O4 A1IPT C . 21.12 -11.48 -5.02
O5 A1IPT C . 19.75 -1.06 -6.92
CL2 A1IPT C . 22.73 -3.38 -0.98
N1 A1IPT D . -19.84 21.89 -1.20
N3 A1IPT D . -11.64 16.50 -1.06
C3 A1IPT D . -18.47 20.45 -2.57
N2 A1IPT D . -12.43 16.27 0.06
C8 A1IPT D . -17.74 17.23 -0.75
C9 A1IPT D . -16.04 15.99 0.39
O1 A1IPT D . -18.75 22.81 -2.92
C1 A1IPT D . -20.45 23.19 -0.92
C2 A1IPT D . -19.04 21.81 -2.25
C10 A1IPT D . -17.03 15.53 1.22
C4 A1IPT D . -18.06 20.14 -3.87
C5 A1IPT D . -17.56 18.87 -4.15
C6 A1IPT D . -17.44 17.93 -3.15
C7 A1IPT D . -17.84 18.24 -1.85
C12 A1IPT D . -17.82 14.11 3.13
C11 A1IPT D . -16.72 14.64 2.25
O2 A1IPT D . -16.36 16.88 -0.61
CL1 A1IPT D . -10.30 13.91 -0.40
C13 A1IPT D . -15.40 14.21 2.42
C14 A1IPT D . -14.42 14.68 1.58
C15 A1IPT D . -14.70 15.60 0.56
C16 A1IPT D . -13.65 15.98 -0.37
C17 A1IPT D . -10.28 16.84 -0.91
C18 A1IPT D . -9.64 16.42 0.37
C19 A1IPT D . -9.62 15.07 0.69
C20 A1IPT D . -9.05 14.61 1.86
C21 A1IPT D . -8.50 15.51 2.74
C22 A1IPT D . -8.50 16.86 2.44
C23 A1IPT D . -9.06 17.33 1.27
C24 A1IPT D . -9.03 18.81 1.02
C25 A1IPT D . -12.38 16.32 -2.23
C26 A1IPT D . -12.04 16.41 -3.58
C27 A1IPT D . -13.02 16.13 -4.50
C28 A1IPT D . -14.31 15.77 -4.09
C29 A1IPT D . -14.67 15.70 -2.75
C30 A1IPT D . -13.66 15.97 -1.81
C31 A1IPT D . -18.35 19.49 -1.57
F1 A1IPT D . -7.99 19.17 0.28
F2 A1IPT D . -8.82 19.47 2.14
F3 A1IPT D . -10.15 19.26 0.43
O3 A1IPT D . -18.98 14.59 3.00
O4 A1IPT D . -17.57 13.14 3.88
O5 A1IPT D . -9.68 17.41 -1.80
CL2 A1IPT D . -15.51 15.45 -5.31
#